data_6C2D
#
_entry.id   6C2D
#
_cell.length_a   44.145
_cell.length_b   51.438
_cell.length_c   79.673
_cell.angle_alpha   90.000
_cell.angle_beta   91.970
_cell.angle_gamma   90.000
#
_symmetry.space_group_name_H-M   'P 1 21 1'
#
loop_
_entity.id
_entity.type
_entity.pdbx_description
1 polymer 'Cytochrome P450'
2 non-polymer 'CHLORIDE ION'
3 non-polymer 'PROTOPORPHYRIN IX CONTAINING FE'
4 non-polymer '4-cyclohexylbenzoic acid'
5 water water
#
_entity_poly.entity_id   1
_entity_poly.type   'polypeptide(L)'
_entity_poly.pdbx_seq_one_letter_code
;TIPHLAIDPFSLDFFDDPYPDQQTLRDAGPVVYLDKWNVYGVARYAEVHAVLNDPTTFCSSRGVGLSDFKKEKPWRPPSL
ILEADPPAHTRPRAVLSKVLSPATMKTIRDGFAAAADAKVDELLQRGCIDAIADLAEAYPLSVFPDAMGLKQEGREHLLP
YAGLVFNAFGPPNELRQTAIERSAPHQAYVNEQCQRPNLAPGGFGACIHAFTDTGEITPDEAPLLVRSLLSAGLDTTVNG
IGAAVYCLARFPGELQRLRSDPTLARNAFEEAVRFESPVQTFFRTTTREVELGGAVIGEGEKVLMFLGSANRDPRRWSDP
DLYDITRKTSGHVGFGSGVHMCVGQLVARLEGEVMLSALARKVAAIDIDGPVKRRFNNTLRGLESLPVKLTPA
;
_entity_poly.pdbx_strand_id   A
#
loop_
_chem_comp.id
_chem_comp.type
_chem_comp.name
_chem_comp.formula
CL non-polymer 'CHLORIDE ION' 'Cl -1'
EH1 non-polymer '4-cyclohexylbenzoic acid' 'C13 H16 O2'
HEM non-polymer 'PROTOPORPHYRIN IX CONTAINING FE' 'C34 H32 Fe N4 O4'
#
# COMPACT_ATOMS: atom_id res chain seq x y z
N THR A 1 -18.42 24.50 -14.99
CA THR A 1 -17.06 24.80 -14.51
C THR A 1 -16.24 23.53 -14.32
N ILE A 2 -16.74 22.61 -13.50
CA ILE A 2 -16.07 21.34 -13.27
C ILE A 2 -16.46 20.37 -14.39
N PRO A 3 -15.47 19.76 -15.04
CA PRO A 3 -15.84 18.81 -16.11
C PRO A 3 -16.38 17.50 -15.55
N HIS A 4 -17.38 16.93 -16.23
CA HIS A 4 -17.94 15.63 -15.84
C HIS A 4 -17.39 14.54 -16.75
N LEU A 5 -16.84 13.48 -16.16
CA LEU A 5 -16.33 12.35 -16.94
C LEU A 5 -17.04 11.07 -16.58
N ALA A 6 -17.15 10.20 -17.57
CA ALA A 6 -17.80 8.90 -17.43
C ALA A 6 -16.82 7.76 -17.13
N ILE A 7 -15.54 8.08 -17.06
CA ILE A 7 -14.51 7.09 -16.71
C ILE A 7 -14.82 6.42 -15.36
N ASP A 8 -14.75 5.09 -15.35
CA ASP A 8 -14.89 4.31 -14.14
C ASP A 8 -13.51 3.82 -13.68
N PRO A 9 -12.94 4.47 -12.65
CA PRO A 9 -11.58 4.11 -12.22
C PRO A 9 -11.52 2.77 -11.50
N PHE A 10 -12.67 2.14 -11.30
CA PHE A 10 -12.72 0.84 -10.64
C PHE A 10 -13.17 -0.26 -11.60
N SER A 11 -13.09 -0.01 -12.90
CA SER A 11 -13.45 -1.03 -13.92
C SER A 11 -12.23 -1.86 -14.32
N LEU A 12 -12.47 -3.09 -14.76
CA LEU A 12 -11.37 -3.97 -15.12
C LEU A 12 -10.58 -3.36 -16.26
N ASP A 13 -11.28 -2.70 -17.18
CA ASP A 13 -10.63 -2.04 -18.30
C ASP A 13 -9.62 -0.98 -17.83
N PHE A 14 -10.03 -0.18 -16.84
CA PHE A 14 -9.16 0.82 -16.24
C PHE A 14 -7.95 0.18 -15.54
N PHE A 15 -8.19 -0.85 -14.73
CA PHE A 15 -7.09 -1.56 -14.06
C PHE A 15 -6.07 -2.10 -15.04
N ASP A 16 -6.56 -2.63 -16.16
CA ASP A 16 -5.69 -3.26 -17.12
C ASP A 16 -4.67 -2.30 -17.73
N ASP A 17 -5.04 -1.03 -17.85
CA ASP A 17 -4.15 -0.02 -18.36
C ASP A 17 -4.67 1.36 -17.97
N PRO A 18 -4.23 1.87 -16.81
CA PRO A 18 -4.83 3.09 -16.29
C PRO A 18 -4.22 4.37 -16.84
N TYR A 19 -3.12 4.29 -17.58
CA TYR A 19 -2.32 5.49 -17.79
C TYR A 19 -2.96 6.49 -18.75
N PRO A 20 -3.56 6.03 -19.86
CA PRO A 20 -4.24 7.00 -20.71
C PRO A 20 -5.40 7.68 -19.99
N ASP A 21 -6.21 6.92 -19.26
CA ASP A 21 -7.33 7.53 -18.56
C ASP A 21 -6.86 8.47 -17.44
N GLN A 22 -5.72 8.18 -16.82
CA GLN A 22 -5.16 9.09 -15.81
C GLN A 22 -4.72 10.41 -16.44
N GLN A 23 -4.16 10.36 -17.66
CA GLN A 23 -3.81 11.60 -18.33
C GLN A 23 -5.07 12.37 -18.65
N THR A 24 -6.12 11.66 -19.09
CA THR A 24 -7.38 12.31 -19.42
C THR A 24 -7.96 13.02 -18.19
N LEU A 25 -7.91 12.33 -17.06
CA LEU A 25 -8.31 12.91 -15.77
C LEU A 25 -7.46 14.13 -15.36
N ARG A 26 -6.15 14.05 -15.52
CA ARG A 26 -5.30 15.19 -15.21
C ARG A 26 -5.59 16.38 -16.10
N ASP A 27 -5.72 16.11 -17.40
CA ASP A 27 -5.77 17.18 -18.38
C ASP A 27 -7.18 17.78 -18.51
N ALA A 28 -8.20 17.10 -17.98
CA ALA A 28 -9.55 17.66 -17.99
C ALA A 28 -9.62 18.88 -17.08
N GLY A 29 -8.78 18.91 -16.03
CA GLY A 29 -8.77 20.00 -15.07
C GLY A 29 -8.26 19.57 -13.72
N PRO A 30 -8.02 20.53 -12.82
CA PRO A 30 -7.55 20.16 -11.47
C PRO A 30 -8.58 19.39 -10.66
N VAL A 31 -9.87 19.62 -10.89
CA VAL A 31 -10.93 18.90 -10.18
C VAL A 31 -11.94 18.45 -11.23
N VAL A 32 -12.30 17.18 -11.17
CA VAL A 32 -13.28 16.59 -12.07
C VAL A 32 -14.42 15.99 -11.27
N TYR A 33 -15.54 15.75 -11.93
CA TYR A 33 -16.66 15.02 -11.33
C TYR A 33 -16.83 13.71 -12.10
N LEU A 34 -16.79 12.61 -11.36
CA LEU A 34 -17.01 11.28 -11.90
C LEU A 34 -18.46 10.82 -11.80
N ASP A 35 -19.19 10.95 -12.91
CA ASP A 35 -20.63 10.66 -12.93
C ASP A 35 -20.96 9.21 -12.58
N LYS A 36 -20.00 8.32 -12.80
CA LYS A 36 -20.24 6.90 -12.56
C LYS A 36 -20.54 6.63 -11.08
N TRP A 37 -19.85 7.35 -10.19
CA TRP A 37 -19.99 7.11 -8.74
C TRP A 37 -20.39 8.34 -7.91
N ASN A 38 -20.66 9.45 -8.59
CA ASN A 38 -20.99 10.72 -7.92
C ASN A 38 -19.96 11.13 -6.88
N VAL A 39 -18.71 11.25 -7.33
CA VAL A 39 -17.63 11.73 -6.48
C VAL A 39 -16.77 12.70 -7.24
N TYR A 40 -16.08 13.55 -6.50
CA TYR A 40 -15.09 14.43 -7.10
C TYR A 40 -13.81 13.65 -7.24
N GLY A 41 -13.01 14.00 -8.26
CA GLY A 41 -11.71 13.37 -8.46
C GLY A 41 -10.59 14.39 -8.62
N VAL A 42 -9.42 14.09 -8.05
CA VAL A 42 -8.21 14.86 -8.30
C VAL A 42 -7.08 13.91 -8.70
N ALA A 43 -6.48 14.19 -9.87
CA ALA A 43 -5.46 13.31 -10.45
C ALA A 43 -4.09 13.96 -10.65
N ARG A 44 -4.00 15.29 -10.50
CA ARG A 44 -2.71 15.97 -10.53
C ARG A 44 -2.01 15.95 -9.17
N TYR A 45 -0.68 15.97 -9.20
CA TYR A 45 0.11 15.98 -8.00
C TYR A 45 -0.33 17.09 -7.01
N ALA A 46 -0.47 18.30 -7.50
CA ALA A 46 -0.71 19.45 -6.61
C ALA A 46 -1.98 19.29 -5.76
N GLU A 47 -3.08 18.91 -6.38
CA GLU A 47 -4.35 18.79 -5.66
C GLU A 47 -4.36 17.55 -4.75
N VAL A 48 -3.76 16.46 -5.21
CA VAL A 48 -3.66 15.27 -4.35
C VAL A 48 -2.88 15.64 -3.09
N HIS A 49 -1.74 16.30 -3.29
CA HIS A 49 -0.89 16.69 -2.16
C HIS A 49 -1.64 17.65 -1.23
N ALA A 50 -2.36 18.62 -1.78
CA ALA A 50 -3.14 19.56 -0.96
C ALA A 50 -4.24 18.86 -0.14
N VAL A 51 -4.96 17.95 -0.78
CA VAL A 51 -6.04 17.25 -0.11
C VAL A 51 -5.45 16.44 1.05
N LEU A 52 -4.39 15.68 0.82
CA LEU A 52 -3.79 14.88 1.88
C LEU A 52 -3.34 15.74 3.06
N ASN A 53 -2.89 16.97 2.77
CA ASN A 53 -2.31 17.80 3.82
C ASN A 53 -3.30 18.80 4.47
N ASP A 54 -4.59 18.65 4.19
CA ASP A 54 -5.62 19.35 4.96
C ASP A 54 -6.65 18.36 5.47
N PRO A 55 -6.31 17.65 6.57
CA PRO A 55 -7.16 16.62 7.15
C PRO A 55 -8.42 17.21 7.83
N THR A 56 -8.38 18.48 8.19
CA THR A 56 -9.55 19.11 8.79
C THR A 56 -10.66 19.25 7.76
N THR A 57 -10.32 19.72 6.58
CA THR A 57 -11.32 19.94 5.54
C THR A 57 -11.65 18.62 4.87
N PHE A 58 -10.62 17.81 4.64
CA PHE A 58 -10.74 16.56 3.91
C PHE A 58 -10.49 15.43 4.90
N CYS A 59 -11.56 15.04 5.60
CA CYS A 59 -11.44 14.17 6.75
C CYS A 59 -11.41 12.70 6.37
N SER A 60 -10.96 11.88 7.32
CA SER A 60 -10.89 10.43 7.14
C SER A 60 -11.93 9.66 7.95
N SER A 61 -12.56 10.33 8.94
CA SER A 61 -13.44 9.63 9.87
C SER A 61 -14.80 9.27 9.25
N ARG A 62 -15.10 9.76 8.05
CA ARG A 62 -16.28 9.32 7.32
C ARG A 62 -15.90 8.26 6.27
N GLY A 63 -14.72 7.66 6.47
CA GLY A 63 -14.23 6.57 5.61
C GLY A 63 -13.30 7.03 4.52
N VAL A 64 -12.32 6.19 4.16
CA VAL A 64 -11.42 6.52 3.05
C VAL A 64 -11.72 5.63 1.85
N GLY A 65 -12.85 4.93 1.95
CA GLY A 65 -13.46 4.25 0.82
C GLY A 65 -14.60 5.09 0.23
N LEU A 66 -15.31 4.55 -0.75
CA LEU A 66 -16.42 5.29 -1.37
C LEU A 66 -17.50 5.54 -0.34
N SER A 67 -17.75 4.55 0.52
CA SER A 67 -18.84 4.64 1.49
C SER A 67 -18.61 5.76 2.49
N ASP A 68 -19.66 6.56 2.69
CA ASP A 68 -19.67 7.64 3.68
C ASP A 68 -20.27 7.08 4.96
N PHE A 69 -19.44 6.96 6.01
CA PHE A 69 -19.85 6.39 7.29
C PHE A 69 -20.98 7.19 7.95
N LYS A 70 -21.20 8.41 7.50
CA LYS A 70 -22.31 9.21 7.99
C LYS A 70 -23.64 8.73 7.37
N LYS A 71 -23.55 7.99 6.27
CA LYS A 71 -24.72 7.56 5.50
C LYS A 71 -24.95 6.04 5.56
N GLU A 72 -23.86 5.29 5.60
CA GLU A 72 -23.90 3.82 5.64
C GLU A 72 -23.08 3.28 6.80
N LYS A 73 -23.42 2.06 7.17
CA LYS A 73 -22.71 1.31 8.21
C LYS A 73 -21.38 0.82 7.65
N PRO A 74 -20.25 1.07 8.35
CA PRO A 74 -19.00 0.48 7.88
C PRO A 74 -19.08 -1.05 7.85
N TRP A 75 -18.37 -1.69 6.93
CA TRP A 75 -18.45 -3.15 6.77
C TRP A 75 -17.80 -3.87 7.98
N ARG A 76 -16.90 -3.18 8.66
CA ARG A 76 -16.32 -3.66 9.92
C ARG A 76 -16.15 -2.44 10.82
N PRO A 77 -16.01 -2.66 12.15
CA PRO A 77 -15.80 -1.48 13.00
C PRO A 77 -14.63 -0.60 12.49
N PRO A 78 -14.81 0.72 12.50
CA PRO A 78 -13.77 1.61 11.97
C PRO A 78 -12.41 1.43 12.63
N SER A 79 -11.38 1.57 11.81
CA SER A 79 -10.03 1.62 12.26
C SER A 79 -9.84 2.82 13.19
N LEU A 80 -9.11 2.60 14.27
CA LEU A 80 -8.82 3.64 15.24
C LEU A 80 -7.76 4.62 14.73
N ILE A 81 -7.11 4.26 13.63
CA ILE A 81 -6.07 5.14 13.11
C ILE A 81 -6.40 5.59 11.67
N LEU A 82 -6.64 4.69 10.73
CA LEU A 82 -6.90 5.11 9.35
C LEU A 82 -8.18 5.92 9.21
N GLU A 83 -9.20 5.53 9.97
CA GLU A 83 -10.53 6.07 9.80
C GLU A 83 -10.89 6.97 11.01
N ALA A 84 -9.86 7.63 11.54
CA ALA A 84 -10.00 8.62 12.60
C ALA A 84 -9.32 9.92 12.19
N ASP A 85 -9.84 11.01 12.69
CA ASP A 85 -9.25 12.34 12.49
C ASP A 85 -8.57 12.80 13.77
N PRO A 86 -7.63 13.75 13.65
CA PRO A 86 -7.17 14.39 14.89
C PRO A 86 -8.38 15.03 15.59
N PRO A 87 -8.42 14.99 16.92
CA PRO A 87 -7.38 14.48 17.83
C PRO A 87 -7.50 12.98 18.14
N ALA A 88 -8.61 12.32 17.81
CA ALA A 88 -8.76 10.89 18.17
C ALA A 88 -7.66 10.03 17.54
N HIS A 89 -7.25 10.44 16.34
CA HIS A 89 -6.16 9.80 15.59
C HIS A 89 -4.79 9.81 16.31
N THR A 90 -4.53 10.88 17.05
CA THR A 90 -3.16 11.21 17.44
C THR A 90 -2.49 10.21 18.39
N ARG A 91 -3.16 9.75 19.45
CA ARG A 91 -2.48 8.82 20.33
C ARG A 91 -2.27 7.42 19.73
N PRO A 92 -3.32 6.84 19.10
CA PRO A 92 -3.11 5.56 18.40
C PRO A 92 -1.99 5.65 17.38
N ARG A 93 -1.91 6.77 16.67
CA ARG A 93 -0.84 6.98 15.70
C ARG A 93 0.53 6.95 16.39
N ALA A 94 0.62 7.64 17.52
CA ALA A 94 1.88 7.72 18.24
C ALA A 94 2.30 6.31 18.70
N VAL A 95 1.36 5.48 19.14
CA VAL A 95 1.71 4.12 19.55
C VAL A 95 2.25 3.27 18.39
N LEU A 96 1.55 3.27 17.25
CA LEU A 96 2.03 2.49 16.10
C LEU A 96 3.37 3.07 15.60
N SER A 97 3.52 4.39 15.67
CA SER A 97 4.81 4.99 15.31
C SER A 97 5.95 4.46 16.19
N LYS A 98 5.69 4.28 17.48
CA LYS A 98 6.72 3.81 18.41
C LYS A 98 6.94 2.32 18.27
N VAL A 99 5.87 1.58 17.97
CA VAL A 99 5.99 0.14 17.74
C VAL A 99 6.80 -0.15 16.46
N LEU A 100 6.66 0.68 15.44
CA LEU A 100 7.29 0.48 14.12
C LEU A 100 8.41 1.52 13.94
N SER A 101 9.17 1.74 15.02
CA SER A 101 10.17 2.78 15.09
C SER A 101 11.53 2.33 14.57
N PRO A 102 12.45 3.27 14.42
CA PRO A 102 13.87 2.96 14.25
C PRO A 102 14.43 1.84 15.11
N ALA A 103 14.17 1.89 16.41
CA ALA A 103 14.73 0.90 17.31
C ALA A 103 14.25 -0.46 16.96
N THR A 104 12.98 -0.55 16.60
CA THR A 104 12.42 -1.84 16.26
C THR A 104 13.11 -2.33 14.99
N MET A 105 13.37 -1.41 14.07
CA MET A 105 13.94 -1.82 12.78
C MET A 105 15.30 -2.46 13.07
N LYS A 106 16.06 -1.87 14.00
CA LYS A 106 17.34 -2.49 14.36
C LYS A 106 17.18 -3.90 14.89
N THR A 107 16.10 -4.17 15.62
CA THR A 107 15.93 -5.52 16.18
C THR A 107 15.56 -6.57 15.12
N ILE A 108 15.00 -6.17 13.99
CA ILE A 108 14.49 -7.15 13.02
C ILE A 108 15.31 -7.20 11.72
N ARG A 109 16.17 -6.21 11.52
CA ARG A 109 16.89 -6.08 10.24
C ARG A 109 17.74 -7.31 9.85
N ASP A 110 18.50 -7.87 10.79
CA ASP A 110 19.36 -9.01 10.45
C ASP A 110 18.55 -10.19 9.95
N GLY A 111 17.46 -10.48 10.65
CA GLY A 111 16.58 -11.58 10.30
C GLY A 111 15.88 -11.36 8.97
N PHE A 112 15.41 -10.14 8.74
CA PHE A 112 14.77 -9.81 7.47
C PHE A 112 15.76 -9.98 6.31
N ALA A 113 16.99 -9.50 6.49
CA ALA A 113 18.00 -9.57 5.44
C ALA A 113 18.40 -11.01 5.19
N ALA A 114 18.60 -11.77 6.27
CA ALA A 114 18.93 -13.20 6.13
C ALA A 114 17.85 -13.94 5.33
N ALA A 115 16.59 -13.65 5.66
CA ALA A 115 15.44 -14.31 5.00
C ALA A 115 15.40 -13.94 3.51
N ALA A 116 15.72 -12.69 3.19
CA ALA A 116 15.77 -12.25 1.80
C ALA A 116 16.88 -12.95 1.00
N ASP A 117 18.09 -12.97 1.56
CA ASP A 117 19.20 -13.67 0.92
C ASP A 117 18.86 -15.15 0.69
N ALA A 118 18.31 -15.79 1.72
CA ALA A 118 17.95 -17.21 1.64
C ALA A 118 16.94 -17.48 0.53
N LYS A 119 15.92 -16.62 0.45
CA LYS A 119 14.90 -16.77 -0.59
C LYS A 119 15.49 -16.65 -1.99
N VAL A 120 16.35 -15.65 -2.19
CA VAL A 120 16.91 -15.47 -3.52
C VAL A 120 17.82 -16.68 -3.85
N ASP A 121 18.58 -17.17 -2.88
CA ASP A 121 19.41 -18.35 -3.10
C ASP A 121 18.56 -19.54 -3.52
N GLU A 122 17.46 -19.74 -2.81
CA GLU A 122 16.50 -20.80 -3.10
C GLU A 122 15.95 -20.66 -4.50
N LEU A 123 15.54 -19.46 -4.87
CA LEU A 123 14.94 -19.24 -6.18
C LEU A 123 15.95 -19.48 -7.29
N LEU A 124 17.20 -19.12 -7.04
CA LEU A 124 18.26 -19.35 -8.03
C LEU A 124 18.47 -20.83 -8.31
N GLN A 125 18.14 -21.70 -7.36
CA GLN A 125 18.28 -23.14 -7.55
C GLN A 125 17.23 -23.65 -8.54
N ARG A 126 16.08 -23.01 -8.53
CA ARG A 126 15.00 -23.36 -9.44
C ARG A 126 15.16 -22.74 -10.83
N GLY A 127 15.69 -21.51 -10.86
CA GLY A 127 15.92 -20.79 -12.11
C GLY A 127 14.69 -20.07 -12.63
N CYS A 128 13.67 -20.84 -13.02
CA CYS A 128 12.42 -20.30 -13.52
C CYS A 128 11.39 -20.33 -12.40
N ILE A 129 10.91 -19.16 -12.02
CA ILE A 129 10.03 -19.01 -10.88
C ILE A 129 8.92 -18.02 -11.24
N ASP A 130 7.91 -17.95 -10.38
CA ASP A 130 6.87 -16.95 -10.49
C ASP A 130 7.23 -15.88 -9.46
N ALA A 131 7.58 -14.70 -9.94
CA ALA A 131 8.06 -13.66 -9.04
C ALA A 131 6.96 -13.14 -8.12
N ILE A 132 5.70 -13.50 -8.37
CA ILE A 132 4.64 -13.12 -7.43
C ILE A 132 4.55 -14.18 -6.33
N ALA A 133 4.01 -15.35 -6.63
CA ALA A 133 3.85 -16.37 -5.58
C ALA A 133 5.18 -16.71 -4.90
N ASP A 134 6.25 -16.81 -5.68
CA ASP A 134 7.49 -17.39 -5.14
C ASP A 134 8.42 -16.36 -4.51
N LEU A 135 8.13 -15.08 -4.68
CA LEU A 135 9.01 -14.02 -4.20
C LEU A 135 8.22 -12.89 -3.53
N ALA A 136 7.43 -12.15 -4.33
CA ALA A 136 6.66 -11.02 -3.81
C ALA A 136 5.70 -11.43 -2.68
N GLU A 137 5.08 -12.59 -2.80
CA GLU A 137 4.25 -13.15 -1.71
C GLU A 137 5.08 -13.91 -0.70
N ALA A 138 5.89 -14.84 -1.19
CA ALA A 138 6.59 -15.75 -0.29
C ALA A 138 7.50 -15.03 0.71
N TYR A 139 8.18 -13.98 0.27
CA TYR A 139 9.16 -13.36 1.14
C TYR A 139 8.46 -12.63 2.31
N PRO A 140 7.47 -11.77 2.02
CA PRO A 140 6.80 -11.13 3.17
C PRO A 140 6.11 -12.13 4.08
N LEU A 141 5.57 -13.20 3.51
CA LEU A 141 4.97 -14.24 4.33
C LEU A 141 6.02 -14.89 5.24
N SER A 142 7.28 -14.89 4.81
CA SER A 142 8.34 -15.57 5.58
C SER A 142 8.88 -14.71 6.70
N VAL A 143 8.56 -13.41 6.72
CA VAL A 143 9.06 -12.52 7.77
C VAL A 143 7.99 -11.74 8.54
N PHE A 144 6.90 -11.30 7.91
CA PHE A 144 6.01 -10.36 8.57
C PHE A 144 5.10 -11.04 9.63
N PRO A 145 4.47 -12.20 9.30
CA PRO A 145 3.66 -12.83 10.34
C PRO A 145 4.48 -13.19 11.59
N ASP A 146 5.70 -13.68 11.41
CA ASP A 146 6.58 -13.91 12.56
C ASP A 146 6.89 -12.61 13.32
N ALA A 147 7.18 -11.53 12.60
CA ALA A 147 7.49 -10.26 13.24
C ALA A 147 6.29 -9.73 14.02
N MET A 148 5.08 -10.08 13.57
CA MET A 148 3.83 -9.75 14.30
C MET A 148 3.71 -10.57 15.59
N GLY A 149 4.27 -11.77 15.60
CA GLY A 149 4.09 -12.70 16.70
C GLY A 149 2.92 -13.67 16.51
N LEU A 150 2.51 -13.87 15.27
CA LEU A 150 1.39 -14.77 14.98
C LEU A 150 1.80 -16.22 15.08
N LYS A 151 0.89 -17.07 15.55
CA LYS A 151 1.08 -18.51 15.45
C LYS A 151 1.15 -18.92 13.96
N GLN A 152 1.61 -20.14 13.71
CA GLN A 152 1.64 -20.68 12.34
C GLN A 152 0.25 -20.96 11.76
N GLU A 153 -0.62 -21.60 12.54
CA GLU A 153 -1.91 -22.03 12.02
C GLU A 153 -2.78 -20.84 11.61
N GLY A 154 -3.39 -20.93 10.43
CA GLY A 154 -4.33 -19.93 9.99
C GLY A 154 -3.75 -18.84 9.11
N ARG A 155 -2.44 -18.83 8.89
CA ARG A 155 -1.83 -17.71 8.18
C ARG A 155 -2.33 -17.57 6.75
N GLU A 156 -2.94 -18.63 6.20
CA GLU A 156 -3.52 -18.58 4.87
C GLU A 156 -4.69 -17.59 4.80
N HIS A 157 -5.18 -17.16 5.96
CA HIS A 157 -6.26 -16.16 5.99
C HIS A 157 -5.77 -14.72 5.72
N LEU A 158 -4.46 -14.49 5.81
CA LEU A 158 -3.99 -13.10 5.87
C LEU A 158 -4.12 -12.37 4.54
N LEU A 159 -3.68 -13.00 3.46
CA LEU A 159 -3.75 -12.31 2.18
C LEU A 159 -5.24 -12.17 1.72
N PRO A 160 -6.06 -13.23 1.88
CA PRO A 160 -7.50 -13.05 1.58
C PRO A 160 -8.13 -11.93 2.39
N TYR A 161 -7.78 -11.79 3.67
CA TYR A 161 -8.33 -10.72 4.48
C TYR A 161 -7.91 -9.36 3.92
N ALA A 162 -6.64 -9.23 3.55
CA ALA A 162 -6.16 -7.95 3.01
C ALA A 162 -6.83 -7.65 1.67
N GLY A 163 -6.97 -8.65 0.81
CA GLY A 163 -7.66 -8.48 -0.47
C GLY A 163 -9.05 -7.88 -0.24
N LEU A 164 -9.73 -8.40 0.79
CA LEU A 164 -11.05 -7.94 1.20
C LEU A 164 -11.01 -6.48 1.66
N VAL A 165 -10.05 -6.16 2.53
CA VAL A 165 -9.92 -4.80 3.05
C VAL A 165 -9.77 -3.81 1.91
N PHE A 166 -8.88 -4.13 0.98
CA PHE A 166 -8.58 -3.20 -0.07
C PHE A 166 -9.68 -3.17 -1.14
N ASN A 167 -10.37 -4.29 -1.38
CA ASN A 167 -11.53 -4.23 -2.25
C ASN A 167 -12.66 -3.40 -1.63
N ALA A 168 -12.75 -3.44 -0.31
CA ALA A 168 -13.85 -2.77 0.40
C ALA A 168 -13.72 -1.26 0.39
N PHE A 169 -12.53 -0.71 0.11
CA PHE A 169 -12.45 0.74 -0.08
C PHE A 169 -13.13 1.17 -1.37
N GLY A 170 -13.34 0.22 -2.28
CA GLY A 170 -13.92 0.54 -3.56
C GLY A 170 -15.43 0.78 -3.51
N PRO A 171 -16.02 1.03 -4.68
CA PRO A 171 -17.48 1.17 -4.81
C PRO A 171 -18.13 -0.19 -4.71
N PRO A 172 -19.46 -0.23 -4.59
CA PRO A 172 -20.11 -1.55 -4.46
C PRO A 172 -20.25 -2.25 -5.82
N ASN A 173 -19.12 -2.57 -6.43
CA ASN A 173 -19.11 -3.35 -7.67
C ASN A 173 -18.92 -4.81 -7.33
N GLU A 174 -18.71 -5.66 -8.34
CA GLU A 174 -18.59 -7.09 -8.11
C GLU A 174 -17.37 -7.49 -7.25
N LEU A 175 -16.23 -6.85 -7.47
CA LEU A 175 -15.06 -7.12 -6.66
C LEU A 175 -15.34 -6.93 -5.20
N ARG A 176 -16.05 -5.85 -4.86
CA ARG A 176 -16.29 -5.56 -3.46
C ARG A 176 -17.33 -6.51 -2.86
N GLN A 177 -18.42 -6.70 -3.57
CA GLN A 177 -19.52 -7.45 -2.97
C GLN A 177 -19.14 -8.93 -2.85
N THR A 178 -18.40 -9.44 -3.83
CA THR A 178 -17.88 -10.79 -3.75
C THR A 178 -16.92 -10.95 -2.57
N ALA A 179 -16.03 -9.97 -2.38
CA ALA A 179 -15.10 -10.02 -1.25
C ALA A 179 -15.85 -10.09 0.07
N ILE A 180 -16.85 -9.23 0.24
CA ILE A 180 -17.56 -9.18 1.50
C ILE A 180 -18.33 -10.48 1.74
N GLU A 181 -18.88 -11.09 0.70
CA GLU A 181 -19.68 -12.28 0.97
C GLU A 181 -18.80 -13.47 1.36
N ARG A 182 -17.50 -13.40 1.08
CA ARG A 182 -16.56 -14.46 1.44
C ARG A 182 -15.81 -14.20 2.74
N SER A 183 -16.16 -13.12 3.42
CA SER A 183 -15.27 -12.54 4.42
C SER A 183 -15.30 -13.19 5.78
N ALA A 184 -16.42 -13.84 6.14
CA ALA A 184 -16.63 -14.20 7.54
C ALA A 184 -15.47 -15.01 8.20
N PRO A 185 -14.95 -16.06 7.52
CA PRO A 185 -13.87 -16.82 8.17
C PRO A 185 -12.55 -16.03 8.31
N HIS A 186 -12.30 -15.14 7.38
CA HIS A 186 -11.10 -14.31 7.45
C HIS A 186 -11.21 -13.30 8.57
N GLN A 187 -12.37 -12.65 8.69
CA GLN A 187 -12.58 -11.74 9.82
C GLN A 187 -12.44 -12.48 11.14
N ALA A 188 -13.02 -13.68 11.23
CA ALA A 188 -12.99 -14.43 12.49
C ALA A 188 -11.57 -14.76 12.89
N TYR A 189 -10.76 -15.22 11.93
CA TYR A 189 -9.37 -15.53 12.23
C TYR A 189 -8.60 -14.28 12.71
N VAL A 190 -8.75 -13.17 11.99
CA VAL A 190 -7.98 -11.97 12.29
C VAL A 190 -8.35 -11.43 13.66
N ASN A 191 -9.65 -11.36 13.93
CA ASN A 191 -10.08 -10.76 15.17
C ASN A 191 -9.56 -11.58 16.32
N GLU A 192 -9.54 -12.89 16.18
CA GLU A 192 -9.02 -13.72 17.25
C GLU A 192 -7.51 -13.50 17.49
N GLN A 193 -6.68 -13.38 16.44
CA GLN A 193 -5.24 -13.19 16.63
C GLN A 193 -4.88 -11.84 17.24
N CYS A 194 -5.84 -10.92 17.30
CA CYS A 194 -5.58 -9.58 17.84
C CYS A 194 -5.59 -9.55 19.36
N GLN A 195 -6.09 -10.63 19.98
CA GLN A 195 -6.12 -10.68 21.44
C GLN A 195 -4.74 -10.94 22.01
N ARG A 196 -4.42 -10.30 23.15
CA ARG A 196 -3.08 -10.34 23.72
C ARG A 196 -2.45 -11.74 23.89
N PRO A 197 -3.21 -12.72 24.40
CA PRO A 197 -2.64 -14.07 24.58
C PRO A 197 -2.17 -14.75 23.30
N ASN A 198 -2.64 -14.29 22.13
CA ASN A 198 -2.34 -14.98 20.89
C ASN A 198 -1.16 -14.35 20.15
N LEU A 199 -0.51 -13.37 20.77
CA LEU A 199 0.60 -12.68 20.14
C LEU A 199 1.93 -12.92 20.89
N ALA A 200 2.86 -13.57 20.22
CA ALA A 200 4.10 -14.01 20.84
C ALA A 200 4.96 -12.87 21.39
N PRO A 201 5.67 -13.15 22.48
CA PRO A 201 6.54 -12.17 23.11
C PRO A 201 7.48 -11.48 22.12
N GLY A 202 7.62 -10.17 22.27
CA GLY A 202 8.60 -9.41 21.51
C GLY A 202 8.17 -8.94 20.14
N GLY A 203 7.05 -9.45 19.64
CA GLY A 203 6.59 -9.08 18.30
C GLY A 203 5.78 -7.79 18.32
N PHE A 204 5.39 -7.30 17.14
CA PHE A 204 4.69 -6.04 17.01
C PHE A 204 3.37 -6.06 17.80
N GLY A 205 2.67 -7.19 17.74
CA GLY A 205 1.38 -7.34 18.43
C GLY A 205 1.51 -7.20 19.94
N ALA A 206 2.45 -7.94 20.50
CA ALA A 206 2.69 -7.84 21.92
C ALA A 206 3.11 -6.43 22.32
N CYS A 207 3.93 -5.80 21.49
CA CYS A 207 4.36 -4.43 21.74
CA CYS A 207 4.35 -4.44 21.76
C CYS A 207 3.19 -3.44 21.77
N ILE A 208 2.23 -3.62 20.89
CA ILE A 208 1.05 -2.73 20.92
C ILE A 208 0.32 -2.88 22.26
N HIS A 209 0.10 -4.12 22.66
CA HIS A 209 -0.60 -4.37 23.92
C HIS A 209 0.20 -3.81 25.11
N ALA A 210 1.52 -3.86 25.05
CA ALA A 210 2.32 -3.33 26.16
C ALA A 210 2.18 -1.82 26.32
N PHE A 211 1.76 -1.13 25.25
CA PHE A 211 1.57 0.32 25.32
C PHE A 211 0.28 0.70 26.03
N THR A 212 -0.50 -0.30 26.43
CA THR A 212 -1.79 -0.01 27.02
C THR A 212 -1.73 0.44 28.46
N ASP A 213 -0.56 0.66 29.05
CA ASP A 213 -0.53 1.15 30.43
C ASP A 213 0.23 2.47 30.57
N THR A 214 0.53 3.09 29.41
CA THR A 214 1.18 4.41 29.39
C THR A 214 0.18 5.54 29.40
N GLY A 215 -1.10 5.22 29.19
CA GLY A 215 -2.11 6.25 29.02
C GLY A 215 -2.29 6.69 27.57
N GLU A 216 -1.56 6.10 26.64
CA GLU A 216 -1.74 6.50 25.24
C GLU A 216 -2.92 5.77 24.61
N ILE A 217 -3.04 4.48 24.91
CA ILE A 217 -4.21 3.70 24.49
C ILE A 217 -4.65 2.85 25.67
N THR A 218 -5.93 2.49 25.68
CA THR A 218 -6.46 1.56 26.66
C THR A 218 -6.38 0.14 26.16
N PRO A 219 -6.50 -0.84 27.06
CA PRO A 219 -6.45 -2.24 26.65
C PRO A 219 -7.46 -2.61 25.58
N ASP A 220 -8.64 -2.00 25.60
CA ASP A 220 -9.67 -2.30 24.60
C ASP A 220 -9.36 -1.69 23.23
N GLU A 221 -8.37 -0.81 23.15
CA GLU A 221 -7.94 -0.28 21.85
C GLU A 221 -6.90 -1.14 21.16
N ALA A 222 -6.13 -1.88 21.94
CA ALA A 222 -5.00 -2.65 21.39
C ALA A 222 -5.41 -3.65 20.27
N PRO A 223 -6.48 -4.44 20.48
CA PRO A 223 -6.80 -5.42 19.42
C PRO A 223 -7.07 -4.78 18.04
N LEU A 224 -7.77 -3.65 18.01
CA LEU A 224 -8.05 -2.99 16.73
C LEU A 224 -6.78 -2.42 16.10
N LEU A 225 -5.82 -2.02 16.91
CA LEU A 225 -4.53 -1.55 16.41
C LEU A 225 -3.68 -2.70 15.88
N VAL A 226 -3.74 -3.87 16.53
CA VAL A 226 -3.16 -5.08 15.93
C VAL A 226 -3.85 -5.35 14.59
N ARG A 227 -5.17 -5.20 14.59
CA ARG A 227 -5.96 -5.39 13.36
C ARG A 227 -5.47 -4.48 12.22
N SER A 228 -5.13 -3.23 12.55
CA SER A 228 -4.59 -2.31 11.56
C SER A 228 -3.35 -2.90 10.86
N LEU A 229 -2.42 -3.43 11.64
CA LEU A 229 -1.20 -4.02 11.09
C LEU A 229 -1.48 -5.29 10.28
N LEU A 230 -2.42 -6.11 10.73
CA LEU A 230 -2.80 -7.31 9.96
C LEU A 230 -3.60 -6.97 8.71
N SER A 231 -4.21 -5.79 8.65
CA SER A 231 -4.89 -5.34 7.43
C SER A 231 -3.92 -4.73 6.43
N ALA A 232 -3.03 -3.88 6.93
CA ALA A 232 -2.23 -2.99 6.10
C ALA A 232 -0.83 -3.52 5.79
N GLY A 233 -0.36 -4.42 6.62
CA GLY A 233 1.07 -4.65 6.68
C GLY A 233 1.66 -5.69 5.75
N LEU A 234 0.84 -6.48 5.08
CA LEU A 234 1.34 -7.60 4.28
C LEU A 234 1.12 -7.40 2.77
N ASP A 235 -0.14 -7.23 2.39
CA ASP A 235 -0.50 -7.20 0.98
C ASP A 235 0.10 -5.98 0.28
N THR A 236 0.26 -4.90 1.03
CA THR A 236 0.96 -3.70 0.54
C THR A 236 2.38 -4.05 0.10
N THR A 237 3.11 -4.72 0.98
CA THR A 237 4.51 -5.05 0.71
C THR A 237 4.65 -6.08 -0.41
N VAL A 238 3.69 -7.00 -0.52
CA VAL A 238 3.64 -7.95 -1.62
C VAL A 238 3.62 -7.17 -2.93
N ASN A 239 2.72 -6.21 -3.04
CA ASN A 239 2.63 -5.42 -4.26
C ASN A 239 3.73 -4.38 -4.43
N GLY A 240 4.35 -3.93 -3.34
CA GLY A 240 5.53 -3.07 -3.48
C GLY A 240 6.73 -3.84 -4.02
N ILE A 241 6.97 -5.00 -3.44
CA ILE A 241 8.08 -5.83 -3.89
C ILE A 241 7.82 -6.36 -5.29
N GLY A 242 6.60 -6.83 -5.55
CA GLY A 242 6.25 -7.23 -6.90
C GLY A 242 6.44 -6.10 -7.92
N ALA A 243 6.04 -4.89 -7.56
CA ALA A 243 6.30 -3.73 -8.44
C ALA A 243 7.79 -3.58 -8.73
N ALA A 244 8.62 -3.66 -7.69
CA ALA A 244 10.06 -3.47 -7.89
C ALA A 244 10.66 -4.56 -8.82
N VAL A 245 10.33 -5.82 -8.57
CA VAL A 245 10.82 -6.89 -9.43
C VAL A 245 10.32 -6.70 -10.87
N TYR A 246 9.06 -6.30 -11.02
CA TYR A 246 8.50 -6.11 -12.35
C TYR A 246 9.26 -4.98 -13.09
N CYS A 247 9.64 -3.93 -12.35
CA CYS A 247 10.37 -2.81 -12.95
C CYS A 247 11.76 -3.28 -13.36
N LEU A 248 12.43 -4.03 -12.49
CA LEU A 248 13.78 -4.46 -12.81
C LEU A 248 13.72 -5.40 -14.02
N ALA A 249 12.65 -6.17 -14.11
CA ALA A 249 12.48 -7.11 -15.21
C ALA A 249 12.29 -6.39 -16.54
N ARG A 250 11.59 -5.27 -16.52
CA ARG A 250 11.31 -4.50 -17.74
C ARG A 250 12.40 -3.48 -18.11
N PHE A 251 13.23 -3.11 -17.14
CA PHE A 251 14.26 -2.08 -17.32
C PHE A 251 15.61 -2.69 -16.96
N PRO A 252 16.13 -3.58 -17.81
CA PRO A 252 17.38 -4.26 -17.45
C PRO A 252 18.56 -3.32 -17.24
N GLY A 253 18.55 -2.15 -17.88
CA GLY A 253 19.59 -1.17 -17.64
C GLY A 253 19.65 -0.73 -16.19
N GLU A 254 18.49 -0.66 -15.53
CA GLU A 254 18.45 -0.26 -14.13
C GLU A 254 18.82 -1.42 -13.20
N LEU A 255 18.48 -2.63 -13.58
CA LEU A 255 19.01 -3.78 -12.88
C LEU A 255 20.54 -3.73 -12.92
N GLN A 256 21.13 -3.43 -14.07
CA GLN A 256 22.57 -3.41 -14.17
CA GLN A 256 22.58 -3.40 -14.18
C GLN A 256 23.18 -2.27 -13.32
N ARG A 257 22.51 -1.12 -13.24
CA ARG A 257 23.02 -0.06 -12.36
C ARG A 257 22.93 -0.49 -10.89
N LEU A 258 21.85 -1.19 -10.55
CA LEU A 258 21.65 -1.65 -9.16
C LEU A 258 22.72 -2.68 -8.78
N ARG A 259 23.05 -3.58 -9.70
CA ARG A 259 24.10 -4.57 -9.46
C ARG A 259 25.41 -3.87 -9.17
N SER A 260 25.68 -2.80 -9.91
CA SER A 260 26.99 -2.17 -9.79
C SER A 260 27.12 -1.36 -8.50
N ASP A 261 25.98 -0.93 -7.95
CA ASP A 261 25.98 -0.29 -6.63
C ASP A 261 24.77 -0.70 -5.81
N PRO A 262 24.90 -1.81 -5.05
CA PRO A 262 23.78 -2.31 -4.25
C PRO A 262 23.30 -1.34 -3.16
N THR A 263 24.02 -0.25 -2.93
CA THR A 263 23.53 0.74 -1.95
C THR A 263 22.39 1.56 -2.55
N LEU A 264 22.12 1.36 -3.85
CA LEU A 264 20.95 1.97 -4.48
C LEU A 264 19.67 1.20 -4.22
N ALA A 265 19.74 0.13 -3.44
CA ALA A 265 18.59 -0.77 -3.24
C ALA A 265 17.40 -0.03 -2.64
N ARG A 266 17.65 0.82 -1.66
CA ARG A 266 16.57 1.52 -0.97
C ARG A 266 15.88 2.53 -1.90
N ASN A 267 16.67 3.29 -2.68
CA ASN A 267 16.04 4.19 -3.62
C ASN A 267 15.42 3.49 -4.83
N ALA A 268 15.95 2.34 -5.22
CA ALA A 268 15.34 1.57 -6.30
C ALA A 268 13.95 1.07 -5.88
N PHE A 269 13.81 0.70 -4.61
CA PHE A 269 12.50 0.33 -4.10
C PHE A 269 11.57 1.56 -4.02
N GLU A 270 12.07 2.69 -3.54
CA GLU A 270 11.25 3.88 -3.43
C GLU A 270 10.74 4.31 -4.80
N GLU A 271 11.60 4.23 -5.81
CA GLU A 271 11.22 4.60 -7.17
C GLU A 271 10.15 3.65 -7.70
N ALA A 272 10.22 2.36 -7.34
CA ALA A 272 9.20 1.40 -7.75
C ALA A 272 7.85 1.76 -7.13
N VAL A 273 7.89 2.21 -5.88
CA VAL A 273 6.66 2.59 -5.21
C VAL A 273 6.06 3.81 -5.94
N ARG A 274 6.91 4.79 -6.32
CA ARG A 274 6.39 5.92 -7.13
C ARG A 274 5.85 5.43 -8.47
N PHE A 275 6.66 4.64 -9.17
CA PHE A 275 6.42 4.26 -10.56
C PHE A 275 5.15 3.41 -10.71
N GLU A 276 4.98 2.38 -9.87
CA GLU A 276 3.77 1.57 -9.96
C GLU A 276 2.65 2.05 -9.05
N SER A 277 3.01 2.64 -7.92
CA SER A 277 2.07 3.04 -6.90
C SER A 277 1.12 1.88 -6.56
N PRO A 278 1.59 0.93 -5.73
CA PRO A 278 0.80 -0.25 -5.35
C PRO A 278 -0.55 0.12 -4.75
N VAL A 279 -0.60 1.22 -4.01
CA VAL A 279 -1.88 1.76 -3.59
C VAL A 279 -2.23 2.89 -4.57
N GLN A 280 -3.26 2.65 -5.39
CA GLN A 280 -3.62 3.56 -6.49
C GLN A 280 -4.49 4.75 -6.07
N THR A 281 -5.45 4.48 -5.19
CA THR A 281 -6.54 5.41 -4.91
C THR A 281 -7.06 5.25 -3.50
N PHE A 282 -7.58 6.33 -2.95
CA PHE A 282 -8.52 6.27 -1.83
C PHE A 282 -9.11 7.66 -1.66
N PHE A 283 -10.01 7.79 -0.70
CA PHE A 283 -10.91 8.92 -0.61
C PHE A 283 -10.71 9.77 0.65
N ARG A 284 -11.24 10.98 0.59
CA ARG A 284 -11.52 11.81 1.76
C ARG A 284 -12.96 12.30 1.64
N THR A 285 -13.51 12.85 2.72
CA THR A 285 -14.86 13.43 2.69
C THR A 285 -14.80 14.85 3.17
N THR A 286 -15.41 15.77 2.42
CA THR A 286 -15.35 17.18 2.82
C THR A 286 -16.23 17.47 4.05
N THR A 287 -15.70 18.29 4.95
CA THR A 287 -16.40 18.64 6.19
C THR A 287 -17.01 20.05 6.12
N ARG A 288 -16.71 20.73 5.03
CA ARG A 288 -17.27 22.05 4.74
C ARG A 288 -17.22 22.32 3.25
N GLU A 289 -17.94 23.34 2.81
CA GLU A 289 -17.70 23.85 1.46
C GLU A 289 -16.24 24.30 1.37
N VAL A 290 -15.60 24.01 0.24
CA VAL A 290 -14.17 24.26 0.07
C VAL A 290 -13.81 24.56 -1.39
N GLU A 291 -12.86 25.47 -1.57
CA GLU A 291 -12.31 25.78 -2.86
C GLU A 291 -11.02 25.00 -3.08
N LEU A 292 -11.00 24.21 -4.14
CA LEU A 292 -9.84 23.40 -4.46
C LEU A 292 -9.59 23.51 -5.93
N GLY A 293 -8.34 23.86 -6.28
CA GLY A 293 -7.95 24.11 -7.65
C GLY A 293 -8.97 24.93 -8.43
N GLY A 294 -9.49 25.99 -7.80
CA GLY A 294 -10.43 26.89 -8.44
C GLY A 294 -11.85 26.37 -8.60
N ALA A 295 -12.11 25.19 -8.06
CA ALA A 295 -13.45 24.62 -8.05
C ALA A 295 -14.04 24.70 -6.64
N VAL A 296 -15.36 24.80 -6.54
CA VAL A 296 -16.02 24.80 -5.23
C VAL A 296 -16.65 23.43 -5.03
N ILE A 297 -16.32 22.81 -3.90
CA ILE A 297 -16.89 21.51 -3.53
C ILE A 297 -17.71 21.71 -2.26
N GLY A 298 -18.92 21.15 -2.26
CA GLY A 298 -19.80 21.23 -1.12
C GLY A 298 -19.40 20.33 0.03
N GLU A 299 -20.04 20.56 1.18
CA GLU A 299 -19.83 19.74 2.37
C GLU A 299 -20.33 18.33 2.14
N GLY A 300 -19.67 17.36 2.75
CA GLY A 300 -20.16 15.99 2.76
C GLY A 300 -20.01 15.30 1.42
N GLU A 301 -19.00 15.73 0.66
CA GLU A 301 -18.71 15.17 -0.65
C GLU A 301 -17.47 14.26 -0.59
N LYS A 302 -17.52 13.17 -1.31
CA LYS A 302 -16.39 12.26 -1.42
C LYS A 302 -15.44 12.77 -2.49
N VAL A 303 -14.16 12.75 -2.14
CA VAL A 303 -13.08 13.15 -3.04
C VAL A 303 -12.12 11.99 -3.24
N LEU A 304 -12.00 11.56 -4.50
CA LEU A 304 -11.14 10.45 -4.88
C LEU A 304 -9.79 10.97 -5.34
N MET A 305 -8.75 10.53 -4.64
CA MET A 305 -7.38 10.89 -4.97
C MET A 305 -6.72 9.79 -5.78
N PHE A 306 -6.08 10.18 -6.87
CA PHE A 306 -5.35 9.24 -7.72
C PHE A 306 -3.85 9.36 -7.41
N LEU A 307 -3.37 8.56 -6.45
CA LEU A 307 -1.97 8.61 -6.02
C LEU A 307 -1.04 8.22 -7.15
N GLY A 308 -1.38 7.16 -7.87
CA GLY A 308 -0.58 6.69 -8.99
C GLY A 308 -0.43 7.77 -10.07
N SER A 309 -1.52 8.49 -10.32
CA SER A 309 -1.53 9.57 -11.32
C SER A 309 -0.65 10.73 -10.86
N ALA A 310 -0.82 11.10 -9.59
CA ALA A 310 0.00 12.15 -8.99
C ALA A 310 1.49 11.86 -9.12
N ASN A 311 1.83 10.59 -8.96
CA ASN A 311 3.18 10.11 -9.08
C ASN A 311 3.69 9.99 -10.51
N ARG A 312 2.81 10.21 -11.49
CA ARG A 312 3.23 10.27 -12.89
C ARG A 312 2.89 11.61 -13.55
N ASP A 313 2.54 12.60 -12.73
CA ASP A 313 2.12 13.90 -13.26
C ASP A 313 3.34 14.66 -13.83
N PRO A 314 3.36 14.93 -15.16
CA PRO A 314 4.53 15.68 -15.68
C PRO A 314 4.64 17.12 -15.23
N ARG A 315 3.61 17.65 -14.58
CA ARG A 315 3.66 18.95 -13.90
C ARG A 315 4.60 18.93 -12.71
N ARG A 316 4.82 17.74 -12.16
CA ARG A 316 5.69 17.57 -10.99
C ARG A 316 6.98 16.83 -11.31
N TRP A 317 6.91 15.86 -12.22
CA TRP A 317 8.03 14.96 -12.49
C TRP A 317 8.61 15.08 -13.89
N SER A 318 9.94 14.99 -13.96
CA SER A 318 10.60 14.87 -15.24
C SER A 318 10.63 13.39 -15.65
N ASP A 319 10.25 13.11 -16.90
CA ASP A 319 10.19 11.76 -17.42
C ASP A 319 9.50 10.81 -16.44
N PRO A 320 8.25 11.15 -16.07
CA PRO A 320 7.52 10.41 -15.02
C PRO A 320 7.33 8.94 -15.37
N ASP A 321 7.28 8.63 -16.65
CA ASP A 321 7.00 7.27 -17.11
C ASP A 321 8.26 6.43 -17.28
N LEU A 322 9.39 6.94 -16.80
CA LEU A 322 10.63 6.16 -16.75
C LEU A 322 10.96 5.69 -15.33
N TYR A 323 11.44 4.45 -15.22
CA TYR A 323 11.92 3.89 -13.97
C TYR A 323 13.40 4.28 -13.81
N ASP A 324 13.71 5.10 -12.81
CA ASP A 324 15.05 5.66 -12.65
C ASP A 324 15.48 5.55 -11.20
N ILE A 325 16.36 4.58 -10.92
CA ILE A 325 16.68 4.24 -9.54
C ILE A 325 17.55 5.28 -8.85
N THR A 326 18.07 6.26 -9.59
CA THR A 326 18.74 7.39 -8.95
C THR A 326 17.89 8.66 -8.97
N ARG A 327 16.62 8.56 -9.37
CA ARG A 327 15.69 9.69 -9.24
C ARG A 327 15.64 10.27 -7.82
N LYS A 328 15.52 11.58 -7.71
CA LYS A 328 15.18 12.19 -6.42
C LYS A 328 13.68 11.96 -6.17
N THR A 329 13.36 10.98 -5.34
CA THR A 329 11.98 10.54 -5.17
C THR A 329 11.21 11.27 -4.07
N SER A 330 11.89 12.05 -3.25
CA SER A 330 11.23 12.62 -2.09
C SER A 330 10.07 13.51 -2.56
N GLY A 331 8.94 13.36 -1.90
CA GLY A 331 7.73 14.07 -2.28
C GLY A 331 6.73 13.16 -3.01
N HIS A 332 7.13 11.99 -3.47
CA HIS A 332 6.13 11.11 -4.08
C HIS A 332 5.07 10.80 -3.02
N VAL A 333 3.86 10.45 -3.46
CA VAL A 333 2.72 10.26 -2.54
C VAL A 333 2.30 8.78 -2.45
N GLY A 334 3.19 7.88 -2.84
CA GLY A 334 2.94 6.45 -2.78
C GLY A 334 2.71 5.90 -1.38
N PHE A 335 3.30 6.56 -0.38
CA PHE A 335 3.07 6.25 1.03
C PHE A 335 2.17 7.30 1.66
N GLY A 336 1.53 8.13 0.84
CA GLY A 336 0.70 9.20 1.36
C GLY A 336 1.49 10.46 1.70
N SER A 337 0.88 11.35 2.48
CA SER A 337 1.53 12.60 2.86
C SER A 337 0.75 13.20 4.01
N GLY A 338 1.46 13.75 5.00
CA GLY A 338 0.79 14.42 6.09
C GLY A 338 0.57 13.52 7.31
N VAL A 339 -0.48 13.78 8.08
CA VAL A 339 -0.64 13.12 9.38
C VAL A 339 -0.94 11.60 9.30
N HIS A 340 -1.50 11.13 8.18
CA HIS A 340 -1.77 9.70 8.00
C HIS A 340 -0.70 9.00 7.16
N MET A 341 0.38 9.70 6.82
CA MET A 341 1.41 9.12 5.96
C MET A 341 1.88 7.81 6.58
N CYS A 342 2.04 6.81 5.73
CA CYS A 342 2.22 5.42 6.13
C CYS A 342 3.05 5.23 7.39
N VAL A 343 2.40 4.76 8.46
CA VAL A 343 3.09 4.60 9.73
C VAL A 343 4.00 3.36 9.70
N GLY A 344 3.78 2.46 8.75
CA GLY A 344 4.63 1.30 8.58
C GLY A 344 5.70 1.45 7.50
N GLN A 345 5.99 2.67 7.06
CA GLN A 345 6.89 2.87 5.91
CA GLN A 345 6.87 2.82 5.89
C GLN A 345 8.30 2.35 6.18
N LEU A 346 8.70 2.31 7.44
CA LEU A 346 10.04 1.83 7.75
C LEU A 346 10.10 0.31 7.58
N VAL A 347 9.03 -0.39 7.92
CA VAL A 347 8.96 -1.83 7.68
C VAL A 347 8.93 -2.13 6.19
N ALA A 348 8.08 -1.39 5.46
CA ALA A 348 7.98 -1.56 4.03
C ALA A 348 9.32 -1.33 3.35
N ARG A 349 9.99 -0.25 3.70
CA ARG A 349 11.28 0.07 3.08
C ARG A 349 12.36 -0.93 3.45
N LEU A 350 12.34 -1.43 4.70
CA LEU A 350 13.29 -2.46 5.12
C LEU A 350 13.14 -3.72 4.25
N GLU A 351 11.91 -4.23 4.11
CA GLU A 351 11.67 -5.42 3.30
C GLU A 351 12.13 -5.19 1.86
N GLY A 352 11.77 -4.03 1.31
CA GLY A 352 12.08 -3.75 -0.08
C GLY A 352 13.57 -3.62 -0.28
N GLU A 353 14.22 -2.92 0.64
CA GLU A 353 15.65 -2.74 0.57
C GLU A 353 16.40 -4.08 0.61
N VAL A 354 16.12 -4.91 1.60
CA VAL A 354 16.95 -6.11 1.76
C VAL A 354 16.65 -7.10 0.64
N MET A 355 15.43 -7.12 0.10
CA MET A 355 15.18 -7.98 -1.07
C MET A 355 15.92 -7.47 -2.28
N LEU A 356 15.86 -6.16 -2.55
CA LEU A 356 16.55 -5.66 -3.74
C LEU A 356 18.07 -5.80 -3.58
N SER A 357 18.56 -5.73 -2.33
CA SER A 357 19.99 -5.90 -2.04
C SER A 357 20.44 -7.32 -2.41
N ALA A 358 19.63 -8.29 -1.98
CA ALA A 358 19.87 -9.68 -2.32
C ALA A 358 19.89 -9.92 -3.83
N LEU A 359 18.91 -9.37 -4.54
CA LEU A 359 18.88 -9.47 -5.99
C LEU A 359 20.11 -8.80 -6.61
N ALA A 360 20.43 -7.59 -6.12
CA ALA A 360 21.58 -6.83 -6.60
C ALA A 360 22.90 -7.63 -6.49
N ARG A 361 23.07 -8.36 -5.40
CA ARG A 361 24.30 -9.11 -5.19
C ARG A 361 24.33 -10.51 -5.84
N LYS A 362 23.17 -11.11 -6.10
CA LYS A 362 23.13 -12.54 -6.45
C LYS A 362 22.65 -12.84 -7.86
N VAL A 363 21.99 -11.88 -8.51
CA VAL A 363 21.31 -12.10 -9.78
C VAL A 363 21.90 -11.23 -10.87
N ALA A 364 22.19 -11.84 -12.03
CA ALA A 364 22.77 -11.12 -13.15
C ALA A 364 21.72 -10.65 -14.13
N ALA A 365 20.62 -11.39 -14.22
CA ALA A 365 19.55 -11.03 -15.13
C ALA A 365 18.20 -11.55 -14.65
N ILE A 366 17.17 -10.80 -15.01
CA ILE A 366 15.77 -11.13 -14.72
C ILE A 366 15.01 -10.98 -16.03
N ASP A 367 14.62 -12.10 -16.62
CA ASP A 367 13.95 -12.12 -17.92
C ASP A 367 12.57 -12.72 -17.81
N ILE A 368 11.56 -11.97 -18.24
CA ILE A 368 10.20 -12.49 -18.27
C ILE A 368 10.15 -13.64 -19.27
N ASP A 369 9.60 -14.78 -18.84
CA ASP A 369 9.67 -15.98 -19.68
C ASP A 369 8.35 -16.72 -19.66
N GLY A 370 7.27 -15.96 -19.57
CA GLY A 370 5.93 -16.52 -19.61
C GLY A 370 4.91 -15.39 -19.64
N PRO A 371 3.64 -15.75 -19.77
CA PRO A 371 2.55 -14.77 -19.81
C PRO A 371 2.42 -14.02 -18.47
N VAL A 372 2.36 -12.71 -18.54
CA VAL A 372 2.16 -11.91 -17.35
C VAL A 372 0.66 -11.77 -17.11
N LYS A 373 0.19 -12.00 -15.88
CA LYS A 373 -1.23 -11.90 -15.56
C LYS A 373 -1.43 -10.89 -14.44
N ARG A 374 -2.37 -9.99 -14.65
CA ARG A 374 -2.66 -8.95 -13.67
C ARG A 374 -3.69 -9.40 -12.64
N ARG A 375 -3.55 -8.87 -11.43
CA ARG A 375 -4.48 -9.14 -10.32
C ARG A 375 -5.37 -7.91 -10.19
N PHE A 376 -6.70 -8.09 -10.10
CA PHE A 376 -7.59 -6.96 -10.04
C PHE A 376 -8.05 -6.73 -8.61
N ASN A 377 -8.00 -5.47 -8.20
CA ASN A 377 -8.41 -5.06 -6.87
C ASN A 377 -8.82 -3.59 -6.98
N ASN A 378 -9.81 -3.20 -6.19
CA ASN A 378 -10.31 -1.83 -6.26
C ASN A 378 -9.31 -0.77 -5.83
N THR A 379 -8.33 -1.17 -5.00
CA THR A 379 -7.34 -0.22 -4.46
C THR A 379 -5.91 -0.57 -4.85
N LEU A 380 -5.59 -1.85 -4.86
CA LEU A 380 -4.21 -2.31 -5.10
C LEU A 380 -3.94 -2.54 -6.58
N ARG A 381 -2.74 -2.12 -7.04
CA ARG A 381 -2.24 -2.43 -8.38
C ARG A 381 -1.09 -3.42 -8.26
N GLY A 382 -1.18 -4.54 -8.96
CA GLY A 382 -0.12 -5.51 -8.95
C GLY A 382 -0.45 -6.71 -9.81
N LEU A 383 0.48 -7.66 -9.87
CA LEU A 383 0.34 -8.82 -10.74
C LEU A 383 -0.13 -10.07 -9.98
N GLU A 384 -0.85 -10.93 -10.70
CA GLU A 384 -1.20 -12.26 -10.23
C GLU A 384 -0.04 -13.21 -10.44
N SER A 385 0.58 -13.09 -11.60
CA SER A 385 1.64 -14.00 -12.01
C SER A 385 2.71 -13.26 -12.85
N LEU A 386 3.98 -13.47 -12.50
CA LEU A 386 5.12 -12.87 -13.19
C LEU A 386 6.22 -13.91 -13.44
N PRO A 387 6.09 -14.70 -14.52
CA PRO A 387 7.12 -15.72 -14.74
C PRO A 387 8.43 -15.12 -15.19
N VAL A 388 9.49 -15.42 -14.46
CA VAL A 388 10.81 -14.92 -14.80
C VAL A 388 11.85 -16.01 -14.70
N LYS A 389 12.86 -15.92 -15.55
CA LYS A 389 14.10 -16.65 -15.35
C LYS A 389 15.11 -15.75 -14.65
N LEU A 390 15.66 -16.24 -13.54
CA LEU A 390 16.74 -15.59 -12.80
C LEU A 390 18.06 -16.23 -13.21
N THR A 391 18.99 -15.40 -13.70
CA THR A 391 20.35 -15.89 -14.00
C THR A 391 21.25 -15.51 -12.84
N PRO A 392 22.02 -16.48 -12.30
CA PRO A 392 22.91 -16.14 -11.19
C PRO A 392 24.09 -15.26 -11.61
N ALA A 393 24.53 -14.40 -10.69
CA ALA A 393 25.71 -13.58 -10.90
C ALA A 393 26.93 -14.48 -10.99
CL CL B . -12.49 -7.73 10.57
CHA HEM C . -1.17 4.33 5.79
CHB HEM C . 0.90 2.98 1.59
CHC HEM C . 3.11 -0.65 3.89
CHD HEM C . 0.50 0.22 7.86
C1A HEM C . -0.75 4.32 4.47
C2A HEM C . -1.11 5.31 3.47
C3A HEM C . -0.52 4.93 2.33
C4A HEM C . 0.20 3.69 2.55
CMA HEM C . -0.65 5.64 0.96
CAA HEM C . -1.97 6.57 3.72
CBA HEM C . -3.46 6.29 3.80
CGA HEM C . -4.27 7.57 3.96
O1A HEM C . -5.53 7.49 4.19
O2A HEM C . -3.71 8.68 3.83
C1B HEM C . 1.67 1.87 1.83
C2B HEM C . 2.51 1.17 0.86
C3B HEM C . 3.13 0.18 1.52
C4B HEM C . 2.69 0.20 2.90
CMB HEM C . 2.65 1.57 -0.62
CAB HEM C . 4.12 -0.88 1.01
CBB HEM C . 4.90 -0.73 -0.07
C1C HEM C . 2.64 -0.70 5.18
C2C HEM C . 3.14 -1.59 6.20
C3C HEM C . 2.42 -1.37 7.31
C4C HEM C . 1.45 -0.32 7.01
CMC HEM C . 4.32 -2.58 5.96
CAC HEM C . 2.50 -2.00 8.70
CBC HEM C . 3.45 -2.85 9.12
C1D HEM C . -0.20 1.37 7.64
C2D HEM C . -1.13 1.94 8.59
C3D HEM C . -1.65 3.20 7.94
C4D HEM C . -0.98 3.31 6.67
CMD HEM C . -1.54 1.40 9.97
CAD HEM C . -2.64 4.20 8.54
CBD HEM C . -1.79 5.33 9.11
CGD HEM C . -2.63 6.46 9.61
O1D HEM C . -2.06 7.31 10.35
O2D HEM C . -3.85 6.52 9.29
NA HEM C . 0.03 3.36 3.88
NB HEM C . 1.81 1.25 3.04
NC HEM C . 1.63 0.07 5.71
ND HEM C . -0.13 2.19 6.51
FE HEM C . 1.06 1.86 4.84
C10 EH1 D . -4.20 0.82 3.92
C13 EH1 D . -2.93 2.68 2.00
C15 EH1 D . -2.71 0.99 3.81
O01 EH1 D . -6.08 0.64 10.13
C02 EH1 D . -6.32 -0.22 9.23
O03 EH1 D . -7.08 -1.21 9.42
C04 EH1 D . -5.74 0.03 7.86
C05 EH1 D . -6.19 -0.71 6.78
C06 EH1 D . -5.68 -0.44 5.50
C07 EH1 D . -4.72 0.56 5.31
C08 EH1 D . -4.26 1.29 6.40
C09 EH1 D . -4.75 1.03 7.68
C11 EH1 D . -4.89 2.14 3.52
C12 EH1 D . -4.44 2.66 2.17
C14 EH1 D . -2.30 1.36 2.41
#